data_3VIF
#
_entry.id   3VIF
#
_cell.length_a   92.950
_cell.length_b   68.479
_cell.length_c   74.846
_cell.angle_alpha   90.00
_cell.angle_beta   95.33
_cell.angle_gamma   90.00
#
_symmetry.space_group_name_H-M   'C 1 2 1'
#
loop_
_entity.id
_entity.type
_entity.pdbx_description
1 polymer Beta-glucosidase
2 non-polymer D-glucono-1,5-lactone
3 non-polymer '4-(2-HYDROXYETHYL)-1-PIPERAZINE ETHANESULFONIC ACID'
4 non-polymer GLYCEROL
5 non-polymer 'SODIUM ION'
6 non-polymer 'CHLORIDE ION'
7 water water
#
_entity_poly.entity_id   1
_entity_poly.type   'polypeptide(L)'
_entity_poly.pdbx_seq_one_letter_code
;MDVASSDTVYTFPDEFKLGAATASYQIEGAWDENGKGPNIWDTLTHEHPDYVVDGATGDIADDSYHLYKEDVKILKELGA
QVYRFSISWARVLPEGHDNIVNQDGIDYYNNLINELLANGIEPMVTMYHWDLPQALQDLGGWPNLVLAKYSENYARVLFK
NFGDRVKLWLTFNEPLTFMDGYASEIGMAPSINTPGIGDYLAAHTVIHAHARIYHLYDQEFRAEQGGKVGISLNINWCEP
ATNSAEDRASCENYQQFNLGLYAHPIFTEEGDYPAVLKDRVSRNSADEGYTDSRLPQFTAEEVEYIRGTHDFLGINFYTA
LLGKSGVEGYEPSRYRDSGVILTQDAAWPISASSWLKVVPWGFRKELNWIKNEYNNPPVFITENGFSDYGGLNDTGRVHY
YTEHLKEMLKAIHEDGVNVIGYTAWSLMDNFEWLRGYSEKFGIYAVDFEDPARPRIPKESAKVLAEIMNTRKIPERFRDL
EHHHHHH
;
_entity_poly.pdbx_strand_id   A
#
loop_
_chem_comp.id
_chem_comp.type
_chem_comp.name
_chem_comp.formula
CL non-polymer 'CHLORIDE ION' 'Cl -1'
EPE non-polymer '4-(2-HYDROXYETHYL)-1-PIPERAZINE ETHANESULFONIC ACID' 'C8 H18 N2 O4 S'
GOL non-polymer GLYCEROL 'C3 H8 O3'
LGC D-saccharide D-glucono-1,5-lactone 'C6 H10 O6'
NA non-polymer 'SODIUM ION' 'Na 1'
#
# COMPACT_ATOMS: atom_id res chain seq x y z
N ASP A 7 -15.27 23.18 17.69
CA ASP A 7 -14.43 21.93 17.68
C ASP A 7 -14.87 20.91 16.64
N THR A 8 -15.80 21.32 15.77
CA THR A 8 -16.29 20.45 14.71
C THR A 8 -15.16 19.95 13.82
N VAL A 9 -14.26 20.84 13.42
CA VAL A 9 -13.16 20.51 12.52
C VAL A 9 -12.16 19.55 13.19
N TYR A 10 -12.26 19.41 14.50
CA TYR A 10 -11.41 18.51 15.27
C TYR A 10 -12.04 17.19 15.68
N THR A 11 -13.29 16.95 15.27
CA THR A 11 -14.04 15.74 15.65
C THR A 11 -14.20 14.78 14.47
N PHE A 12 -14.01 13.49 14.73
CA PHE A 12 -14.21 12.50 13.68
C PHE A 12 -15.69 12.27 13.44
N PRO A 13 -16.10 12.14 12.16
CA PRO A 13 -17.48 11.73 11.90
C PRO A 13 -17.82 10.44 12.65
N ASP A 14 -19.09 10.32 13.04
CA ASP A 14 -19.51 9.18 13.86
C ASP A 14 -19.19 7.82 13.24
N GLU A 15 -19.34 7.70 11.93
CA GLU A 15 -19.15 6.40 11.26
C GLU A 15 -17.71 6.15 10.81
N PHE A 16 -16.84 7.12 11.00
CA PHE A 16 -15.45 7.03 10.55
C PHE A 16 -14.71 5.93 11.31
N LYS A 17 -13.95 5.08 10.62
CA LYS A 17 -13.26 3.97 11.27
C LYS A 17 -11.78 4.25 11.47
N LEU A 18 -11.30 4.08 12.70
CA LEU A 18 -9.90 4.30 13.07
C LEU A 18 -9.25 3.00 13.45
N GLY A 19 -7.99 2.81 13.04
CA GLY A 19 -7.26 1.63 13.46
C GLY A 19 -5.79 1.67 13.11
N ALA A 20 -5.22 0.50 12.85
CA ALA A 20 -3.80 0.36 12.56
C ALA A 20 -3.59 -0.77 11.54
N ALA A 21 -2.40 -0.80 10.96
CA ALA A 21 -2.12 -1.67 9.81
C ALA A 21 -0.77 -2.37 9.93
N THR A 22 -0.71 -3.55 9.30
CA THR A 22 0.51 -4.34 9.12
C THR A 22 0.44 -5.04 7.76
N ALA A 23 1.49 -5.79 7.44
CA ALA A 23 1.57 -6.63 6.24
C ALA A 23 2.28 -7.92 6.62
N SER A 24 1.91 -9.00 5.93
CA SER A 24 2.32 -10.36 6.29
C SER A 24 3.83 -10.55 6.37
N TYR A 25 4.58 -10.26 5.31
CA TYR A 25 6.02 -10.54 5.36
C TYR A 25 6.68 -9.67 6.42
N GLN A 26 6.12 -8.48 6.64
CA GLN A 26 6.73 -7.57 7.59
C GLN A 26 6.61 -8.03 9.05
N ILE A 27 5.61 -8.85 9.36
CA ILE A 27 5.35 -9.19 10.75
C ILE A 27 5.34 -10.68 11.07
N GLU A 28 5.01 -11.57 10.14
CA GLU A 28 4.61 -12.93 10.54
C GLU A 28 5.72 -13.85 10.99
N GLY A 29 6.85 -13.79 10.31
CA GLY A 29 7.83 -14.86 10.47
C GLY A 29 7.31 -16.19 9.97
N ALA A 30 7.76 -17.27 10.60
CA ALA A 30 7.29 -18.62 10.27
C ALA A 30 7.32 -18.81 8.74
N TRP A 31 8.43 -18.41 8.13
CA TRP A 31 8.52 -18.30 6.67
C TRP A 31 8.45 -19.64 5.94
N ASP A 32 8.81 -20.72 6.63
CA ASP A 32 8.71 -22.05 6.05
C ASP A 32 8.00 -23.05 6.96
N GLU A 33 7.19 -22.52 7.86
CA GLU A 33 6.52 -23.37 8.85
C GLU A 33 5.22 -23.93 8.32
N ASN A 34 4.93 -25.19 8.68
CA ASN A 34 3.63 -25.80 8.44
C ASN A 34 3.10 -25.63 7.04
N GLY A 35 3.98 -25.93 6.07
CA GLY A 35 3.58 -26.03 4.68
C GLY A 35 3.68 -24.75 3.88
N LYS A 36 4.02 -23.62 4.49
CA LYS A 36 4.11 -22.38 3.73
C LYS A 36 5.18 -22.50 2.65
N GLY A 37 4.86 -22.07 1.43
CA GLY A 37 5.81 -22.07 0.35
C GLY A 37 6.63 -20.79 0.29
N PRO A 38 7.72 -20.79 -0.49
CA PRO A 38 8.60 -19.64 -0.52
C PRO A 38 8.02 -18.53 -1.39
N ASN A 39 8.27 -17.29 -0.98
CA ASN A 39 7.89 -16.12 -1.76
C ASN A 39 9.12 -15.31 -2.16
N ILE A 40 8.91 -14.28 -2.95
CA ILE A 40 10.02 -13.51 -3.51
C ILE A 40 10.83 -12.76 -2.46
N TRP A 41 10.24 -12.50 -1.29
CA TRP A 41 10.97 -11.85 -0.21
C TRP A 41 11.81 -12.86 0.59
N ASP A 42 11.33 -14.09 0.74
CA ASP A 42 12.19 -15.17 1.20
C ASP A 42 13.41 -15.23 0.28
N THR A 43 13.18 -15.25 -1.03
CA THR A 43 14.27 -15.36 -1.98
C THR A 43 15.24 -14.18 -1.87
N LEU A 44 14.70 -12.96 -1.84
CA LEU A 44 15.58 -11.79 -1.79
C LEU A 44 16.43 -11.80 -0.53
N THR A 45 15.81 -12.00 0.61
CA THR A 45 16.55 -11.85 1.87
C THR A 45 17.50 -13.03 2.10
N HIS A 46 17.21 -14.20 1.52
CA HIS A 46 18.11 -15.34 1.63
C HIS A 46 19.25 -15.33 0.63
N GLU A 47 18.97 -14.94 -0.60
CA GLU A 47 19.97 -15.00 -1.65
CA GLU A 47 19.95 -14.99 -1.67
C GLU A 47 20.73 -13.68 -1.81
N HIS A 48 20.10 -12.57 -1.43
CA HIS A 48 20.69 -11.25 -1.62
C HIS A 48 20.65 -10.40 -0.37
N PRO A 49 21.27 -10.89 0.72
CA PRO A 49 21.30 -10.09 1.94
C PRO A 49 22.04 -8.77 1.77
N ASP A 50 22.89 -8.71 0.75
CA ASP A 50 23.57 -7.47 0.41
C ASP A 50 22.63 -6.37 -0.07
N TYR A 51 21.38 -6.71 -0.38
CA TYR A 51 20.41 -5.68 -0.77
C TYR A 51 19.71 -5.05 0.43
N VAL A 52 19.89 -5.61 1.63
CA VAL A 52 19.09 -5.27 2.79
C VAL A 52 19.99 -4.75 3.90
N VAL A 53 19.58 -3.67 4.56
CA VAL A 53 20.33 -3.18 5.72
C VAL A 53 20.51 -4.31 6.72
N ASP A 54 21.74 -4.49 7.19
CA ASP A 54 22.08 -5.49 8.20
C ASP A 54 21.95 -6.93 7.68
N GLY A 55 21.68 -7.12 6.38
CA GLY A 55 21.35 -8.47 5.92
C GLY A 55 20.13 -9.04 6.62
N ALA A 56 19.20 -8.19 7.02
CA ALA A 56 18.04 -8.64 7.77
C ALA A 56 17.12 -9.51 6.91
N THR A 57 16.36 -10.36 7.57
CA THR A 57 15.34 -11.17 6.91
C THR A 57 14.04 -11.05 7.66
N GLY A 58 12.95 -11.43 6.99
CA GLY A 58 11.68 -11.66 7.65
C GLY A 58 11.46 -13.07 8.17
N ASP A 59 12.52 -13.83 8.44
CA ASP A 59 12.33 -15.22 8.84
C ASP A 59 11.50 -15.33 10.13
N ILE A 60 11.73 -14.39 11.05
CA ILE A 60 10.98 -14.31 12.30
CA ILE A 60 10.99 -14.30 12.31
C ILE A 60 10.17 -13.02 12.39
N ALA A 61 10.81 -11.88 12.11
CA ALA A 61 10.12 -10.58 12.18
C ALA A 61 9.47 -10.42 13.56
N ASP A 62 8.20 -10.03 13.62
CA ASP A 62 7.48 -9.90 14.88
C ASP A 62 6.92 -11.22 15.40
N ASP A 63 7.13 -12.30 14.64
CA ASP A 63 6.63 -13.63 14.98
C ASP A 63 5.11 -13.63 15.15
N SER A 64 4.42 -12.79 14.36
CA SER A 64 2.95 -12.73 14.45
C SER A 64 2.24 -14.00 14.00
N TYR A 65 2.92 -14.89 13.29
CA TYR A 65 2.34 -16.19 13.02
C TYR A 65 2.05 -16.92 14.35
N HIS A 66 2.96 -16.81 15.30
CA HIS A 66 2.76 -17.41 16.63
C HIS A 66 2.07 -16.47 17.62
N LEU A 67 2.30 -15.16 17.46
CA LEU A 67 1.92 -14.17 18.46
C LEU A 67 0.72 -13.32 18.07
N TYR A 68 -0.09 -13.81 17.14
CA TYR A 68 -1.25 -13.03 16.69
C TYR A 68 -2.18 -12.61 17.84
N LYS A 69 -2.32 -13.42 18.90
CA LYS A 69 -3.17 -13.00 19.99
C LYS A 69 -2.60 -11.78 20.72
N GLU A 70 -1.28 -11.65 20.75
CA GLU A 70 -0.66 -10.47 21.33
C GLU A 70 -0.94 -9.23 20.46
N ASP A 71 -0.96 -9.40 19.14
CA ASP A 71 -1.33 -8.30 18.24
C ASP A 71 -2.76 -7.83 18.52
N VAL A 72 -3.67 -8.79 18.70
CA VAL A 72 -5.04 -8.43 19.00
C VAL A 72 -5.15 -7.71 20.35
N LYS A 73 -4.39 -8.21 21.34
CA LYS A 73 -4.33 -7.54 22.64
C LYS A 73 -3.95 -6.07 22.53
N ILE A 74 -2.88 -5.76 21.80
CA ILE A 74 -2.48 -4.36 21.66
C ILE A 74 -3.46 -3.54 20.82
N LEU A 75 -4.08 -4.15 19.80
CA LEU A 75 -5.15 -3.47 19.09
C LEU A 75 -6.32 -3.11 20.01
N LYS A 76 -6.67 -4.02 20.92
CA LYS A 76 -7.74 -3.77 21.87
C LYS A 76 -7.34 -2.65 22.84
N GLU A 77 -6.10 -2.68 23.32
CA GLU A 77 -5.59 -1.61 24.20
C GLU A 77 -5.65 -0.26 23.49
N LEU A 78 -5.26 -0.25 22.22
CA LEU A 78 -5.26 0.96 21.41
C LEU A 78 -6.67 1.49 21.20
N GLY A 79 -7.64 0.59 21.19
CA GLY A 79 -9.02 0.94 20.86
C GLY A 79 -9.29 0.95 19.37
N ALA A 80 -8.49 0.21 18.60
CA ALA A 80 -8.71 0.14 17.16
C ALA A 80 -10.09 -0.42 16.83
N GLN A 81 -10.77 0.22 15.88
CA GLN A 81 -12.03 -0.29 15.34
C GLN A 81 -11.81 -1.25 14.19
N VAL A 82 -10.68 -1.09 13.50
CA VAL A 82 -10.33 -1.87 12.33
CA VAL A 82 -10.30 -1.84 12.30
C VAL A 82 -8.83 -2.21 12.40
N TYR A 83 -8.51 -3.44 11.98
CA TYR A 83 -7.13 -3.87 11.82
C TYR A 83 -6.95 -4.26 10.35
N ARG A 84 -6.09 -3.52 9.66
CA ARG A 84 -5.71 -3.85 8.29
C ARG A 84 -4.46 -4.72 8.35
N PHE A 85 -4.57 -5.92 7.78
CA PHE A 85 -3.45 -6.86 7.70
C PHE A 85 -3.49 -7.48 6.32
N SER A 86 -2.42 -8.17 5.95
CA SER A 86 -2.41 -8.84 4.65
C SER A 86 -2.31 -10.36 4.83
N ILE A 87 -2.71 -11.07 3.78
CA ILE A 87 -2.59 -12.51 3.74
C ILE A 87 -1.41 -12.89 2.87
N SER A 88 -0.61 -13.83 3.38
CA SER A 88 0.54 -14.33 2.63
C SER A 88 0.09 -15.36 1.59
N TRP A 89 0.18 -15.02 0.31
CA TRP A 89 -0.28 -15.91 -0.74
C TRP A 89 0.32 -17.31 -0.58
N ALA A 90 1.63 -17.39 -0.40
CA ALA A 90 2.29 -18.69 -0.34
C ALA A 90 2.03 -19.45 0.97
N ARG A 91 1.51 -18.78 2.00
CA ARG A 91 1.05 -19.50 3.18
C ARG A 91 -0.25 -20.26 2.93
N VAL A 92 -1.09 -19.70 2.04
CA VAL A 92 -2.39 -20.28 1.68
C VAL A 92 -2.29 -21.24 0.50
N LEU A 93 -1.59 -20.81 -0.56
CA LEU A 93 -1.39 -21.60 -1.78
C LEU A 93 0.13 -21.73 -1.97
N PRO A 94 0.74 -22.77 -1.36
CA PRO A 94 2.21 -22.82 -1.32
C PRO A 94 2.85 -22.88 -2.69
N GLU A 95 2.12 -23.37 -3.69
CA GLU A 95 2.63 -23.48 -5.06
CA GLU A 95 2.61 -23.50 -5.06
C GLU A 95 2.16 -22.32 -5.93
N GLY A 96 1.47 -21.35 -5.34
CA GLY A 96 0.96 -20.18 -6.05
C GLY A 96 -0.34 -20.45 -6.78
N HIS A 97 -0.33 -21.46 -7.65
CA HIS A 97 -1.53 -22.00 -8.26
C HIS A 97 -2.46 -22.56 -7.20
N ASP A 98 -3.74 -22.73 -7.53
CA ASP A 98 -4.73 -23.13 -6.56
C ASP A 98 -4.93 -24.63 -6.41
N ASN A 99 -3.98 -25.44 -6.90
CA ASN A 99 -4.10 -26.89 -6.78
C ASN A 99 -3.98 -27.38 -5.33
N ILE A 100 -3.15 -26.71 -4.53
CA ILE A 100 -2.95 -27.10 -3.14
C ILE A 100 -3.30 -25.92 -2.24
N VAL A 101 -4.25 -26.15 -1.33
CA VAL A 101 -4.61 -25.19 -0.31
C VAL A 101 -4.03 -25.70 1.00
N ASN A 102 -3.21 -24.87 1.65
CA ASN A 102 -2.58 -25.22 2.90
C ASN A 102 -3.51 -24.97 4.08
N GLN A 103 -4.06 -26.04 4.66
CA GLN A 103 -5.01 -25.91 5.76
C GLN A 103 -4.40 -25.12 6.93
N ASP A 104 -3.11 -25.25 7.16
CA ASP A 104 -2.49 -24.49 8.25
C ASP A 104 -2.66 -22.98 8.03
N GLY A 105 -2.50 -22.55 6.78
CA GLY A 105 -2.67 -21.15 6.44
C GLY A 105 -4.10 -20.69 6.61
N ILE A 106 -5.05 -21.50 6.15
CA ILE A 106 -6.45 -21.23 6.35
C ILE A 106 -6.77 -21.08 7.84
N ASP A 107 -6.29 -22.04 8.64
CA ASP A 107 -6.51 -22.02 10.08
C ASP A 107 -5.93 -20.78 10.72
N TYR A 108 -4.72 -20.40 10.31
CA TYR A 108 -4.05 -19.24 10.89
C TYR A 108 -4.88 -17.97 10.70
N TYR A 109 -5.27 -17.68 9.46
CA TYR A 109 -6.02 -16.46 9.19
C TYR A 109 -7.42 -16.53 9.80
N ASN A 110 -8.05 -17.70 9.83
CA ASN A 110 -9.30 -17.83 10.57
C ASN A 110 -9.10 -17.53 12.05
N ASN A 111 -8.02 -18.02 12.62
CA ASN A 111 -7.74 -17.78 14.04
C ASN A 111 -7.59 -16.28 14.31
N LEU A 112 -6.86 -15.59 13.45
CA LEU A 112 -6.70 -14.15 13.59
C LEU A 112 -8.03 -13.42 13.44
N ILE A 113 -8.76 -13.74 12.37
CA ILE A 113 -10.06 -13.10 12.14
C ILE A 113 -10.99 -13.30 13.32
N ASN A 114 -11.08 -14.54 13.80
CA ASN A 114 -11.97 -14.85 14.91
C ASN A 114 -11.56 -14.15 16.19
N GLU A 115 -10.25 -14.07 16.44
CA GLU A 115 -9.75 -13.37 17.60
C GLU A 115 -10.08 -11.87 17.54
N LEU A 116 -9.90 -11.27 16.36
CA LEU A 116 -10.29 -9.87 16.17
C LEU A 116 -11.77 -9.65 16.48
N LEU A 117 -12.62 -10.44 15.84
CA LEU A 117 -14.06 -10.27 16.02
C LEU A 117 -14.50 -10.46 17.46
N ALA A 118 -13.90 -11.43 18.15
CA ALA A 118 -14.20 -11.70 19.56
C ALA A 118 -13.82 -10.52 20.44
N ASN A 119 -12.94 -9.66 19.94
CA ASN A 119 -12.47 -8.50 20.67
C ASN A 119 -13.03 -7.20 20.10
N GLY A 120 -14.04 -7.32 19.24
CA GLY A 120 -14.75 -6.17 18.68
C GLY A 120 -13.97 -5.36 17.66
N ILE A 121 -13.03 -5.99 16.97
CA ILE A 121 -12.19 -5.31 15.98
C ILE A 121 -12.50 -5.88 14.61
N GLU A 122 -12.76 -5.00 13.64
CA GLU A 122 -13.12 -5.42 12.29
C GLU A 122 -11.87 -5.72 11.45
N PRO A 123 -11.80 -6.91 10.81
CA PRO A 123 -10.69 -7.17 9.89
C PRO A 123 -10.82 -6.45 8.55
N MET A 124 -9.71 -5.90 8.07
CA MET A 124 -9.62 -5.35 6.72
C MET A 124 -8.43 -6.07 6.08
N VAL A 125 -8.67 -6.79 4.99
CA VAL A 125 -7.67 -7.70 4.47
C VAL A 125 -7.11 -7.25 3.12
N THR A 126 -5.80 -7.08 3.09
CA THR A 126 -5.07 -6.89 1.83
C THR A 126 -4.69 -8.25 1.27
N MET A 127 -5.12 -8.55 0.04
CA MET A 127 -4.82 -9.85 -0.54
C MET A 127 -3.34 -9.95 -0.93
N TYR A 128 -2.81 -8.88 -1.51
CA TYR A 128 -1.45 -8.89 -2.02
C TYR A 128 -0.67 -7.68 -1.52
N HIS A 129 0.26 -7.94 -0.60
CA HIS A 129 1.17 -6.92 -0.07
C HIS A 129 2.63 -7.38 -0.29
N TRP A 130 2.93 -7.72 -1.55
CA TRP A 130 4.28 -7.77 -2.12
C TRP A 130 4.96 -9.14 -2.10
N ASP A 131 4.32 -10.11 -1.46
CA ASP A 131 4.92 -11.41 -1.19
C ASP A 131 4.48 -12.49 -2.17
N LEU A 132 4.82 -12.29 -3.43
CA LEU A 132 4.45 -13.21 -4.50
C LEU A 132 5.10 -14.57 -4.30
N PRO A 133 4.34 -15.67 -4.47
CA PRO A 133 5.00 -16.99 -4.45
C PRO A 133 6.12 -17.08 -5.49
N GLN A 134 7.24 -17.66 -5.08
CA GLN A 134 8.35 -17.79 -6.02
C GLN A 134 8.00 -18.59 -7.26
N ALA A 135 7.10 -19.57 -7.13
CA ALA A 135 6.73 -20.39 -8.28
C ALA A 135 6.07 -19.53 -9.38
N LEU A 136 5.42 -18.44 -8.98
CA LEU A 136 4.82 -17.53 -9.96
C LEU A 136 5.82 -16.53 -10.50
N GLN A 137 6.74 -16.06 -9.65
CA GLN A 137 7.85 -15.26 -10.15
C GLN A 137 8.67 -16.01 -11.18
N ASP A 138 8.76 -17.33 -11.04
CA ASP A 138 9.54 -18.11 -11.98
C ASP A 138 8.96 -18.14 -13.38
N LEU A 139 7.68 -17.79 -13.53
CA LEU A 139 7.03 -17.61 -14.84
C LEU A 139 7.27 -16.21 -15.41
N GLY A 140 7.95 -15.36 -14.64
CA GLY A 140 8.15 -13.96 -14.97
C GLY A 140 7.52 -13.03 -13.95
N GLY A 141 6.62 -13.52 -13.11
CA GLY A 141 5.97 -12.64 -12.17
C GLY A 141 5.05 -11.65 -12.84
N TRP A 142 4.90 -10.48 -12.22
CA TRP A 142 3.86 -9.54 -12.62
C TRP A 142 3.89 -9.12 -14.10
N PRO A 143 5.06 -9.01 -14.75
CA PRO A 143 5.03 -8.72 -16.20
C PRO A 143 4.31 -9.75 -17.06
N ASN A 144 4.09 -10.96 -16.53
CA ASN A 144 3.43 -12.02 -17.27
C ASN A 144 1.93 -12.00 -16.95
N LEU A 145 1.12 -11.65 -17.94
CA LEU A 145 -0.32 -11.46 -17.77
C LEU A 145 -1.05 -12.73 -17.28
N VAL A 146 -0.43 -13.91 -17.39
CA VAL A 146 -1.06 -15.10 -16.84
C VAL A 146 -1.33 -14.97 -15.34
N LEU A 147 -0.58 -14.11 -14.65
CA LEU A 147 -0.81 -13.91 -13.22
C LEU A 147 -2.17 -13.30 -12.91
N ALA A 148 -2.84 -12.65 -13.86
CA ALA A 148 -4.17 -12.11 -13.56
C ALA A 148 -5.17 -13.22 -13.21
N LYS A 149 -5.17 -14.29 -14.00
CA LYS A 149 -6.05 -15.43 -13.68
C LYS A 149 -5.60 -16.11 -12.39
N TYR A 150 -4.29 -16.22 -12.18
CA TYR A 150 -3.81 -16.84 -10.92
C TYR A 150 -4.28 -16.03 -9.71
N SER A 151 -4.30 -14.71 -9.87
CA SER A 151 -4.74 -13.79 -8.82
C SER A 151 -6.22 -13.95 -8.54
N GLU A 152 -7.03 -14.10 -9.59
CA GLU A 152 -8.44 -14.40 -9.43
C GLU A 152 -8.62 -15.67 -8.60
N ASN A 153 -7.88 -16.72 -8.95
CA ASN A 153 -8.04 -17.99 -8.27
C ASN A 153 -7.64 -17.90 -6.80
N TYR A 154 -6.59 -17.13 -6.50
CA TYR A 154 -6.19 -16.88 -5.13
C TYR A 154 -7.29 -16.13 -4.38
N ALA A 155 -7.82 -15.08 -5.00
CA ALA A 155 -8.91 -14.35 -4.36
C ALA A 155 -10.12 -15.24 -4.08
N ARG A 156 -10.46 -16.15 -5.00
CA ARG A 156 -11.60 -17.02 -4.74
C ARG A 156 -11.40 -17.83 -3.46
N VAL A 157 -10.20 -18.36 -3.26
CA VAL A 157 -9.91 -19.08 -2.03
C VAL A 157 -10.11 -18.18 -0.81
N LEU A 158 -9.65 -16.93 -0.89
CA LEU A 158 -9.83 -16.00 0.21
C LEU A 158 -11.30 -15.68 0.47
N PHE A 159 -12.06 -15.36 -0.58
CA PHE A 159 -13.46 -15.03 -0.40
C PHE A 159 -14.22 -16.23 0.17
N LYS A 160 -13.97 -17.42 -0.38
CA LYS A 160 -14.65 -18.63 0.07
C LYS A 160 -14.41 -18.92 1.56
N ASN A 161 -13.15 -18.79 1.99
CA ASN A 161 -12.77 -19.18 3.33
C ASN A 161 -13.03 -18.12 4.39
N PHE A 162 -12.90 -16.86 4.01
CA PHE A 162 -12.88 -15.77 4.99
C PHE A 162 -13.99 -14.74 4.82
N GLY A 163 -14.65 -14.73 3.66
CA GLY A 163 -15.57 -13.65 3.32
C GLY A 163 -16.87 -13.63 4.10
N ASP A 164 -17.18 -14.71 4.80
CA ASP A 164 -18.31 -14.70 5.71
C ASP A 164 -18.09 -13.76 6.89
N ARG A 165 -16.83 -13.47 7.20
CA ARG A 165 -16.46 -12.63 8.33
C ARG A 165 -15.66 -11.38 7.95
N VAL A 166 -15.13 -11.34 6.75
CA VAL A 166 -14.38 -10.17 6.28
C VAL A 166 -15.24 -9.42 5.29
N LYS A 167 -15.45 -8.13 5.58
CA LYS A 167 -16.29 -7.28 4.74
C LYS A 167 -15.55 -6.09 4.12
N LEU A 168 -14.24 -6.01 4.37
CA LEU A 168 -13.39 -4.98 3.79
C LEU A 168 -12.17 -5.64 3.18
N TRP A 169 -12.03 -5.52 1.86
CA TRP A 169 -10.94 -6.15 1.12
C TRP A 169 -10.19 -5.10 0.32
N LEU A 170 -8.88 -5.29 0.22
CA LEU A 170 -8.03 -4.55 -0.70
C LEU A 170 -7.36 -5.59 -1.58
N THR A 171 -7.50 -5.47 -2.90
CA THR A 171 -6.86 -6.44 -3.79
C THR A 171 -5.34 -6.36 -3.66
N PHE A 172 -4.81 -5.16 -3.88
CA PHE A 172 -3.39 -4.90 -3.93
C PHE A 172 -3.00 -3.74 -3.03
N ASN A 173 -1.77 -3.82 -2.52
CA ASN A 173 -1.14 -2.70 -1.86
C ASN A 173 -0.01 -2.14 -2.71
N GLU A 174 -0.12 -0.85 -3.03
CA GLU A 174 0.95 -0.09 -3.68
C GLU A 174 1.59 -0.78 -4.87
N PRO A 175 0.80 -1.06 -5.93
CA PRO A 175 1.46 -1.52 -7.16
C PRO A 175 2.43 -0.48 -7.72
N LEU A 176 2.23 0.81 -7.47
CA LEU A 176 3.23 1.81 -7.89
C LEU A 176 4.60 1.48 -7.31
N THR A 177 4.63 0.99 -6.07
CA THR A 177 5.89 0.58 -5.44
C THR A 177 6.34 -0.79 -5.94
N PHE A 178 5.48 -1.81 -5.89
CA PHE A 178 6.00 -3.13 -6.20
C PHE A 178 6.29 -3.32 -7.68
N MET A 179 5.70 -2.52 -8.56
CA MET A 179 6.12 -2.57 -9.96
C MET A 179 7.61 -2.23 -10.09
N ASP A 180 8.14 -1.43 -9.16
CA ASP A 180 9.53 -1.04 -9.20
CA ASP A 180 9.54 -1.03 -9.14
C ASP A 180 10.48 -2.20 -8.90
N GLY A 181 9.94 -3.31 -8.41
CA GLY A 181 10.72 -4.53 -8.31
C GLY A 181 11.17 -5.07 -9.65
N TYR A 182 10.60 -4.54 -10.73
CA TYR A 182 10.95 -4.88 -12.11
C TYR A 182 11.70 -3.72 -12.77
N ALA A 183 12.20 -2.78 -11.97
CA ALA A 183 12.94 -1.63 -12.49
C ALA A 183 14.30 -1.40 -11.83
N SER A 184 14.85 -2.41 -11.16
CA SER A 184 16.18 -2.30 -10.58
C SER A 184 16.74 -3.68 -10.25
N GLU A 185 18.01 -3.92 -10.52
CA GLU A 185 18.63 -5.18 -10.17
C GLU A 185 18.92 -5.36 -8.68
N ILE A 186 18.90 -4.25 -7.91
CA ILE A 186 19.24 -4.32 -6.49
C ILE A 186 18.11 -3.87 -5.57
N GLY A 187 16.91 -3.69 -6.11
CA GLY A 187 15.83 -3.10 -5.34
C GLY A 187 14.83 -4.10 -4.82
N MET A 188 13.60 -3.62 -4.66
CA MET A 188 12.43 -4.39 -4.21
CA MET A 188 12.59 -4.47 -4.09
C MET A 188 12.39 -5.73 -4.92
N ALA A 189 11.97 -6.78 -4.24
CA ALA A 189 11.80 -8.08 -4.88
C ALA A 189 10.84 -7.95 -6.07
N PRO A 190 11.12 -8.63 -7.18
CA PRO A 190 12.16 -9.65 -7.38
C PRO A 190 13.49 -9.11 -7.90
N SER A 191 13.70 -7.79 -7.83
CA SER A 191 15.02 -7.20 -8.11
C SER A 191 15.45 -7.48 -9.55
N ILE A 192 14.54 -7.16 -10.48
CA ILE A 192 14.80 -7.32 -11.90
CA ILE A 192 14.73 -7.33 -11.92
C ILE A 192 14.93 -5.97 -12.57
N ASN A 193 15.97 -5.85 -13.41
CA ASN A 193 16.31 -4.58 -14.03
C ASN A 193 15.68 -4.38 -15.41
N THR A 194 14.37 -4.14 -15.46
CA THR A 194 13.66 -3.82 -16.71
C THR A 194 12.91 -2.48 -16.62
N PRO A 195 13.59 -1.41 -16.18
CA PRO A 195 12.91 -0.12 -16.05
C PRO A 195 12.31 0.34 -17.38
N GLY A 196 11.14 0.96 -17.28
CA GLY A 196 10.47 1.52 -18.42
C GLY A 196 9.83 0.49 -19.34
N ILE A 197 9.90 -0.78 -18.99
CA ILE A 197 9.42 -1.87 -19.83
C ILE A 197 8.67 -2.88 -18.96
N GLY A 198 9.41 -3.55 -18.08
CA GLY A 198 8.81 -4.59 -17.23
C GLY A 198 7.94 -4.05 -16.12
N ASP A 199 8.29 -2.87 -15.59
CA ASP A 199 7.42 -2.25 -14.60
C ASP A 199 6.07 -1.89 -15.21
N TYR A 200 6.04 -1.34 -16.43
CA TYR A 200 4.75 -1.10 -17.06
C TYR A 200 3.97 -2.39 -17.30
N LEU A 201 4.65 -3.46 -17.73
CA LEU A 201 3.94 -4.74 -17.91
C LEU A 201 3.37 -5.22 -16.57
N ALA A 202 4.14 -5.07 -15.49
CA ALA A 202 3.64 -5.45 -14.17
C ALA A 202 2.37 -4.69 -13.81
N ALA A 203 2.39 -3.37 -14.03
CA ALA A 203 1.21 -2.53 -13.75
C ALA A 203 0.00 -3.06 -14.51
N HIS A 204 0.21 -3.37 -15.78
CA HIS A 204 -0.87 -3.81 -16.66
C HIS A 204 -1.50 -5.08 -16.11
N THR A 205 -0.66 -6.04 -15.74
CA THR A 205 -1.18 -7.28 -15.17
C THR A 205 -1.93 -7.04 -13.88
N VAL A 206 -1.38 -6.17 -13.01
CA VAL A 206 -2.04 -5.88 -11.75
C VAL A 206 -3.43 -5.29 -11.96
N ILE A 207 -3.56 -4.37 -12.90
CA ILE A 207 -4.84 -3.75 -13.17
C ILE A 207 -5.83 -4.83 -13.65
N HIS A 208 -5.40 -5.67 -14.57
CA HIS A 208 -6.23 -6.79 -15.01
C HIS A 208 -6.63 -7.69 -13.86
N ALA A 209 -5.68 -8.01 -13.00
CA ALA A 209 -5.91 -8.89 -11.86
C ALA A 209 -6.93 -8.29 -10.91
N HIS A 210 -6.75 -7.02 -10.58
CA HIS A 210 -7.67 -6.29 -9.73
C HIS A 210 -9.09 -6.39 -10.30
N ALA A 211 -9.23 -6.10 -11.59
CA ALA A 211 -10.54 -6.13 -12.22
C ALA A 211 -11.16 -7.52 -12.16
N ARG A 212 -10.38 -8.56 -12.43
CA ARG A 212 -10.89 -9.93 -12.32
CA ARG A 212 -10.88 -9.93 -12.32
C ARG A 212 -11.37 -10.23 -10.91
N ILE A 213 -10.63 -9.79 -9.90
CA ILE A 213 -10.99 -10.05 -8.53
C ILE A 213 -12.30 -9.35 -8.17
N TYR A 214 -12.44 -8.09 -8.60
CA TYR A 214 -13.68 -7.36 -8.34
C TYR A 214 -14.88 -8.04 -8.99
N HIS A 215 -14.74 -8.39 -10.27
CA HIS A 215 -15.82 -9.07 -10.96
C HIS A 215 -16.15 -10.41 -10.33
N LEU A 216 -15.12 -11.14 -9.89
CA LEU A 216 -15.31 -12.38 -9.15
C LEU A 216 -16.18 -12.17 -7.92
N TYR A 217 -15.88 -11.13 -7.15
CA TYR A 217 -16.65 -10.82 -5.97
C TYR A 217 -18.10 -10.58 -6.36
N ASP A 218 -18.31 -9.72 -7.36
CA ASP A 218 -19.68 -9.50 -7.83
C ASP A 218 -20.40 -10.80 -8.22
N GLN A 219 -19.72 -11.68 -8.93
CA GLN A 219 -20.36 -12.87 -9.51
CA GLN A 219 -20.36 -12.86 -9.51
C GLN A 219 -20.59 -13.99 -8.50
N GLU A 220 -19.63 -14.21 -7.62
CA GLU A 220 -19.58 -15.40 -6.81
C GLU A 220 -19.84 -15.15 -5.31
N PHE A 221 -19.76 -13.91 -4.83
CA PHE A 221 -19.73 -13.67 -3.37
C PHE A 221 -20.51 -12.51 -2.79
N ARG A 222 -20.68 -11.44 -3.55
CA ARG A 222 -21.22 -10.20 -2.96
C ARG A 222 -22.64 -10.36 -2.41
N ALA A 223 -23.52 -11.02 -3.15
CA ALA A 223 -24.90 -11.18 -2.71
C ALA A 223 -24.95 -11.82 -1.33
N GLU A 224 -24.11 -12.82 -1.10
CA GLU A 224 -24.08 -13.52 0.17
C GLU A 224 -23.30 -12.78 1.26
N GLN A 225 -22.20 -12.15 0.89
CA GLN A 225 -21.25 -11.64 1.87
C GLN A 225 -21.40 -10.16 2.19
N GLY A 226 -21.86 -9.37 1.22
CA GLY A 226 -22.20 -7.97 1.46
C GLY A 226 -21.06 -7.05 1.84
N GLY A 227 -19.84 -7.38 1.40
CA GLY A 227 -18.67 -6.57 1.74
C GLY A 227 -18.31 -5.60 0.63
N LYS A 228 -17.13 -5.00 0.78
CA LYS A 228 -16.63 -4.00 -0.14
CA LYS A 228 -16.63 -3.99 -0.13
C LYS A 228 -15.22 -4.34 -0.56
N VAL A 229 -14.92 -4.12 -1.83
CA VAL A 229 -13.62 -4.38 -2.41
C VAL A 229 -13.03 -3.09 -2.96
N GLY A 230 -11.82 -2.76 -2.48
CA GLY A 230 -11.07 -1.63 -3.00
C GLY A 230 -9.65 -2.05 -3.35
N ILE A 231 -8.77 -1.06 -3.41
CA ILE A 231 -7.36 -1.25 -3.76
C ILE A 231 -6.62 -0.12 -3.03
N SER A 232 -5.40 -0.39 -2.53
CA SER A 232 -4.60 0.64 -1.86
C SER A 232 -3.53 1.17 -2.78
N LEU A 233 -3.69 2.45 -3.13
CA LEU A 233 -2.76 3.16 -4.00
C LEU A 233 -1.98 4.18 -3.17
N ASN A 234 -0.65 4.19 -3.27
CA ASN A 234 0.18 5.24 -2.69
C ASN A 234 0.32 6.45 -3.66
N ILE A 235 0.46 7.63 -3.07
CA ILE A 235 0.75 8.83 -3.85
C ILE A 235 1.35 9.88 -2.93
N ASN A 236 2.43 10.51 -3.40
CA ASN A 236 2.98 11.71 -2.77
C ASN A 236 2.31 12.95 -3.32
N TRP A 237 2.09 13.97 -2.47
CA TRP A 237 1.74 15.27 -3.01
C TRP A 237 2.94 15.80 -3.81
N CYS A 238 2.69 16.52 -4.89
CA CYS A 238 3.75 17.13 -5.69
C CYS A 238 3.42 18.60 -5.81
N GLU A 239 4.20 19.41 -5.10
CA GLU A 239 3.97 20.84 -5.00
C GLU A 239 4.78 21.55 -6.06
N PRO A 240 4.18 22.50 -6.80
CA PRO A 240 4.97 23.18 -7.81
C PRO A 240 6.13 23.94 -7.18
N ALA A 241 7.32 23.77 -7.75
CA ALA A 241 8.49 24.43 -7.18
C ALA A 241 8.37 25.95 -7.20
N THR A 242 7.77 26.46 -8.27
CA THR A 242 7.35 27.85 -8.36
C THR A 242 5.90 27.85 -8.82
N ASN A 243 5.24 29.00 -8.73
CA ASN A 243 3.83 29.11 -9.14
C ASN A 243 3.55 29.16 -10.66
N SER A 244 4.53 28.80 -11.48
CA SER A 244 4.33 28.92 -12.91
C SER A 244 3.40 27.83 -13.46
N ALA A 245 2.76 28.16 -14.57
CA ALA A 245 1.96 27.18 -15.29
C ALA A 245 2.79 25.95 -15.66
N GLU A 246 4.05 26.16 -16.02
CA GLU A 246 4.92 25.07 -16.43
C GLU A 246 5.20 24.11 -15.26
N ASP A 247 5.45 24.67 -14.08
CA ASP A 247 5.67 23.81 -12.93
C ASP A 247 4.38 23.12 -12.50
N ARG A 248 3.25 23.81 -12.58
CA ARG A 248 1.97 23.15 -12.34
C ARG A 248 1.75 21.99 -13.31
N ALA A 249 2.10 22.15 -14.58
CA ALA A 249 1.94 21.05 -15.55
C ALA A 249 2.74 19.83 -15.10
N SER A 250 3.94 20.08 -14.59
CA SER A 250 4.81 18.98 -14.20
C SER A 250 4.25 18.21 -13.01
N CYS A 251 3.58 18.94 -12.11
CA CYS A 251 2.96 18.29 -10.96
C CYS A 251 1.72 17.48 -11.36
N GLU A 252 0.97 17.97 -12.35
CA GLU A 252 -0.12 17.17 -12.89
C GLU A 252 0.43 15.91 -13.56
N ASN A 253 1.54 16.04 -14.29
CA ASN A 253 2.18 14.85 -14.85
C ASN A 253 2.50 13.86 -13.73
N TYR A 254 3.05 14.35 -12.62
CA TYR A 254 3.40 13.48 -11.52
C TYR A 254 2.16 12.74 -11.01
N GLN A 255 1.07 13.46 -10.75
CA GLN A 255 -0.12 12.80 -10.26
C GLN A 255 -0.57 11.71 -11.23
N GLN A 256 -0.57 12.02 -12.53
CA GLN A 256 -1.07 11.05 -13.50
C GLN A 256 -0.15 9.83 -13.66
N PHE A 257 1.17 10.04 -13.56
CA PHE A 257 2.15 8.97 -13.72
C PHE A 257 2.33 8.11 -12.48
N ASN A 258 1.77 8.51 -11.35
CA ASN A 258 1.97 7.82 -10.09
C ASN A 258 0.63 7.27 -9.58
N LEU A 259 -0.35 8.16 -9.38
CA LEU A 259 -1.69 7.75 -8.98
C LEU A 259 -2.55 7.38 -10.19
N GLY A 260 -2.55 8.23 -11.22
CA GLY A 260 -3.43 8.03 -12.37
C GLY A 260 -3.16 6.75 -13.13
N LEU A 261 -1.91 6.29 -13.12
CA LEU A 261 -1.53 5.04 -13.75
CA LEU A 261 -1.51 5.03 -13.75
C LEU A 261 -2.49 3.92 -13.38
N TYR A 262 -2.84 3.86 -12.10
CA TYR A 262 -3.76 2.86 -11.58
C TYR A 262 -5.19 3.38 -11.43
N ALA A 263 -5.34 4.63 -10.99
CA ALA A 263 -6.67 5.11 -10.66
C ALA A 263 -7.46 5.55 -11.89
N HIS A 264 -6.82 6.00 -12.96
CA HIS A 264 -7.60 6.39 -14.13
C HIS A 264 -8.31 5.18 -14.75
N PRO A 265 -7.62 4.02 -14.87
CA PRO A 265 -8.34 2.86 -15.43
C PRO A 265 -9.54 2.42 -14.60
N ILE A 266 -9.43 2.55 -13.27
CA ILE A 266 -10.42 1.96 -12.37
C ILE A 266 -11.49 2.95 -11.94
N PHE A 267 -11.08 4.16 -11.54
CA PHE A 267 -11.94 5.11 -10.81
C PHE A 267 -12.58 6.20 -11.63
N THR A 268 -12.29 6.28 -12.92
CA THR A 268 -12.93 7.27 -13.79
C THR A 268 -14.06 6.63 -14.59
N GLU A 269 -14.95 7.46 -15.11
CA GLU A 269 -15.98 6.99 -16.03
C GLU A 269 -15.40 6.55 -17.36
N GLU A 270 -14.33 7.22 -17.78
CA GLU A 270 -13.71 6.91 -19.08
C GLU A 270 -12.88 5.64 -19.05
N GLY A 271 -12.23 5.38 -17.92
CA GLY A 271 -11.27 4.31 -17.86
C GLY A 271 -10.03 4.56 -18.70
N ASP A 272 -9.27 3.49 -18.93
CA ASP A 272 -7.99 3.52 -19.63
C ASP A 272 -6.94 4.25 -18.80
N TYR A 273 -5.69 4.16 -19.25
CA TYR A 273 -4.62 4.98 -18.70
C TYR A 273 -4.88 6.45 -18.96
N PRO A 274 -4.31 7.35 -18.13
CA PRO A 274 -4.37 8.77 -18.46
C PRO A 274 -3.78 9.05 -19.83
N ALA A 275 -4.37 10.00 -20.56
CA ALA A 275 -3.86 10.36 -21.86
C ALA A 275 -2.39 10.78 -21.80
N VAL A 276 -1.99 11.55 -20.79
CA VAL A 276 -0.61 12.03 -20.76
C VAL A 276 0.37 10.86 -20.64
N LEU A 277 -0.04 9.80 -19.94
CA LEU A 277 0.80 8.62 -19.79
CA LEU A 277 0.81 8.61 -19.79
C LEU A 277 0.96 7.92 -21.15
N LYS A 278 -0.17 7.68 -21.80
CA LYS A 278 -0.12 7.04 -23.11
C LYS A 278 0.71 7.88 -24.09
N ASP A 279 0.45 9.18 -24.12
CA ASP A 279 1.07 10.03 -25.13
C ASP A 279 2.56 10.21 -24.88
N ARG A 280 2.98 10.47 -23.65
CA ARG A 280 4.40 10.69 -23.39
C ARG A 280 5.19 9.41 -23.66
N VAL A 281 4.68 8.26 -23.24
CA VAL A 281 5.42 7.02 -23.47
C VAL A 281 5.46 6.68 -24.96
N SER A 282 4.37 6.91 -25.68
CA SER A 282 4.34 6.66 -27.11
CA SER A 282 4.40 6.60 -27.11
C SER A 282 5.40 7.50 -27.83
N ARG A 283 5.42 8.79 -27.52
CA ARG A 283 6.38 9.70 -28.15
C ARG A 283 7.81 9.28 -27.81
N ASN A 284 8.07 9.02 -26.52
CA ASN A 284 9.43 8.67 -26.14
C ASN A 284 9.87 7.36 -26.79
N SER A 285 8.96 6.41 -26.87
CA SER A 285 9.29 5.10 -27.47
C SER A 285 9.62 5.28 -28.95
N ALA A 286 8.84 6.08 -29.66
CA ALA A 286 9.11 6.34 -31.07
C ALA A 286 10.47 7.02 -31.23
N ASP A 287 10.74 8.01 -30.40
CA ASP A 287 11.97 8.78 -30.55
C ASP A 287 13.19 7.90 -30.31
N GLU A 288 13.04 6.87 -29.48
CA GLU A 288 14.13 5.97 -29.20
C GLU A 288 14.24 4.79 -30.15
N GLY A 289 13.34 4.73 -31.12
CA GLY A 289 13.45 3.74 -32.16
C GLY A 289 12.66 2.48 -31.99
N TYR A 290 11.87 2.35 -30.93
CA TYR A 290 11.02 1.18 -30.80
C TYR A 290 9.92 1.17 -31.84
N THR A 291 9.64 0.01 -32.42
CA THR A 291 8.46 -0.12 -33.26
C THR A 291 7.16 0.09 -32.47
N ASP A 292 7.14 -0.44 -31.25
CA ASP A 292 5.96 -0.43 -30.41
C ASP A 292 6.19 0.41 -29.17
N SER A 293 5.17 1.11 -28.71
CA SER A 293 5.26 1.82 -27.46
C SER A 293 5.61 0.85 -26.34
N ARG A 294 6.44 1.33 -25.41
CA ARG A 294 6.72 0.59 -24.20
C ARG A 294 5.52 0.46 -23.26
N LEU A 295 4.48 1.28 -23.45
CA LEU A 295 3.31 1.18 -22.59
C LEU A 295 2.33 0.18 -23.19
N PRO A 296 1.96 -0.88 -22.45
CA PRO A 296 0.95 -1.81 -22.96
C PRO A 296 -0.40 -1.12 -23.16
N GLN A 297 -1.24 -1.73 -24.00
CA GLN A 297 -2.53 -1.17 -24.35
C GLN A 297 -3.68 -2.02 -23.82
N PHE A 298 -4.76 -1.34 -23.44
CA PHE A 298 -6.02 -2.01 -23.20
C PHE A 298 -6.90 -1.91 -24.44
N THR A 299 -7.58 -3.00 -24.78
CA THR A 299 -8.62 -2.91 -25.81
C THR A 299 -9.82 -2.16 -25.24
N ALA A 300 -10.75 -1.75 -26.11
CA ALA A 300 -11.97 -1.09 -25.64
C ALA A 300 -12.75 -1.99 -24.68
N GLU A 301 -12.82 -3.28 -24.99
CA GLU A 301 -13.54 -4.20 -24.13
C GLU A 301 -12.88 -4.27 -22.75
N GLU A 302 -11.55 -4.29 -22.71
CA GLU A 302 -10.83 -4.31 -21.44
C GLU A 302 -11.05 -3.02 -20.67
N VAL A 303 -11.05 -1.89 -21.36
CA VAL A 303 -11.29 -0.61 -20.71
C VAL A 303 -12.63 -0.65 -19.96
N GLU A 304 -13.67 -1.15 -20.65
CA GLU A 304 -15.00 -1.24 -20.04
C GLU A 304 -15.03 -2.23 -18.88
N TYR A 305 -14.34 -3.36 -19.00
CA TYR A 305 -14.27 -4.35 -17.93
C TYR A 305 -13.63 -3.77 -16.67
N ILE A 306 -12.56 -3.01 -16.86
CA ILE A 306 -11.76 -2.52 -15.73
C ILE A 306 -12.40 -1.32 -15.05
N ARG A 307 -12.96 -0.40 -15.81
CA ARG A 307 -13.52 0.80 -15.18
C ARG A 307 -14.71 0.44 -14.30
N GLY A 308 -14.77 1.07 -13.13
CA GLY A 308 -15.86 0.85 -12.22
C GLY A 308 -15.64 -0.26 -11.22
N THR A 309 -14.47 -0.89 -11.24
CA THR A 309 -14.21 -2.02 -10.36
C THR A 309 -13.75 -1.57 -8.97
N HIS A 310 -14.65 -0.92 -8.25
CA HIS A 310 -14.29 -0.39 -6.93
C HIS A 310 -15.52 -0.10 -6.09
N ASP A 311 -15.37 -0.34 -4.79
CA ASP A 311 -16.35 0.09 -3.79
C ASP A 311 -15.82 1.22 -2.92
N PHE A 312 -14.51 1.45 -2.95
CA PHE A 312 -13.86 2.57 -2.29
C PHE A 312 -12.42 2.61 -2.83
N LEU A 313 -11.75 3.71 -2.52
CA LEU A 313 -10.36 3.93 -2.88
C LEU A 313 -9.52 3.90 -1.59
N GLY A 314 -8.54 3.01 -1.54
CA GLY A 314 -7.56 3.03 -0.44
C GLY A 314 -6.40 3.90 -0.82
N ILE A 315 -5.96 4.75 0.11
CA ILE A 315 -4.82 5.61 -0.12
C ILE A 315 -3.79 5.44 0.98
N ASN A 316 -2.54 5.27 0.56
CA ASN A 316 -1.39 5.33 1.44
C ASN A 316 -0.71 6.66 1.20
N PHE A 317 -0.65 7.48 2.24
CA PHE A 317 -0.09 8.81 2.14
C PHE A 317 1.00 8.99 3.18
N TYR A 318 2.16 9.51 2.77
CA TYR A 318 3.27 9.74 3.67
C TYR A 318 3.93 11.12 3.54
N THR A 319 4.05 11.65 2.33
CA THR A 319 4.97 12.77 2.13
C THR A 319 4.68 13.54 0.85
N ALA A 320 5.53 14.53 0.60
CA ALA A 320 5.41 15.38 -0.57
C ALA A 320 6.78 15.53 -1.21
N LEU A 321 6.73 15.97 -2.47
CA LEU A 321 7.88 16.36 -3.28
C LEU A 321 7.58 17.72 -3.87
N LEU A 322 8.62 18.42 -4.30
CA LEU A 322 8.52 19.56 -5.19
C LEU A 322 8.70 19.08 -6.62
N GLY A 323 7.91 19.64 -7.53
CA GLY A 323 8.02 19.33 -8.95
C GLY A 323 8.23 20.57 -9.78
N LYS A 324 9.16 20.47 -10.73
CA LYS A 324 9.37 21.54 -11.68
C LYS A 324 9.41 20.96 -13.09
N SER A 325 9.16 21.84 -14.03
CA SER A 325 9.16 21.49 -15.44
C SER A 325 10.51 20.96 -15.88
N GLY A 326 10.48 19.89 -16.63
CA GLY A 326 11.69 19.30 -17.15
C GLY A 326 11.58 17.79 -17.19
N VAL A 327 12.68 17.18 -17.60
CA VAL A 327 12.77 15.73 -17.76
C VAL A 327 14.10 15.31 -17.16
N GLU A 328 14.09 14.28 -16.32
CA GLU A 328 15.38 13.68 -15.95
C GLU A 328 15.14 12.20 -15.64
N GLY A 329 16.24 11.50 -15.38
CA GLY A 329 16.18 10.07 -15.19
C GLY A 329 16.75 9.32 -16.36
N TYR A 330 16.90 8.01 -16.19
CA TYR A 330 17.48 7.19 -17.25
C TYR A 330 16.49 6.82 -18.33
N GLU A 331 16.98 6.64 -19.54
CA GLU A 331 16.17 6.19 -20.67
C GLU A 331 16.39 4.70 -20.83
N PRO A 332 15.32 3.88 -20.75
CA PRO A 332 13.94 4.23 -20.45
C PRO A 332 13.65 4.09 -18.96
N SER A 333 12.71 4.88 -18.46
CA SER A 333 12.23 4.72 -17.09
C SER A 333 10.92 5.47 -16.93
N ARG A 334 10.14 5.04 -15.95
CA ARG A 334 8.87 5.72 -15.65
CA ARG A 334 8.89 5.73 -15.66
C ARG A 334 9.15 7.16 -15.20
N TYR A 335 10.18 7.37 -14.39
CA TYR A 335 10.48 8.74 -13.95
C TYR A 335 10.81 9.63 -15.13
N ARG A 336 11.66 9.15 -16.04
CA ARG A 336 11.98 9.97 -17.20
C ARG A 336 10.74 10.24 -18.05
N ASP A 337 9.93 9.20 -18.26
CA ASP A 337 8.71 9.36 -19.05
C ASP A 337 7.75 10.39 -18.44
N SER A 338 7.77 10.50 -17.10
CA SER A 338 6.78 11.33 -16.41
C SER A 338 6.95 12.83 -16.60
N GLY A 339 8.12 13.30 -17.04
CA GLY A 339 8.23 14.73 -17.37
C GLY A 339 8.06 15.66 -16.19
N VAL A 340 8.78 15.36 -15.11
CA VAL A 340 8.86 16.24 -13.95
C VAL A 340 10.23 16.05 -13.30
N ILE A 341 10.78 17.13 -12.77
CA ILE A 341 12.02 17.06 -12.00
C ILE A 341 11.63 17.21 -10.53
N LEU A 342 11.93 16.18 -9.74
CA LEU A 342 11.46 16.07 -8.37
C LEU A 342 12.58 16.35 -7.37
N THR A 343 12.26 17.15 -6.37
CA THR A 343 13.19 17.44 -5.28
C THR A 343 12.41 17.46 -3.96
N GLN A 344 13.13 17.61 -2.85
CA GLN A 344 12.58 17.83 -1.53
CA GLN A 344 12.45 17.88 -1.59
C GLN A 344 13.03 19.20 -1.03
N ASP A 345 12.19 19.91 -0.30
CA ASP A 345 12.60 21.16 0.34
C ASP A 345 13.40 20.87 1.59
N ALA A 346 14.58 21.48 1.67
CA ALA A 346 15.47 21.31 2.81
C ALA A 346 14.83 21.73 4.13
N ALA A 347 13.82 22.59 4.08
CA ALA A 347 13.20 23.08 5.30
C ALA A 347 12.21 22.10 5.93
N TRP A 348 11.77 21.10 5.16
CA TRP A 348 10.78 20.18 5.68
C TRP A 348 11.43 19.29 6.76
N PRO A 349 10.72 19.03 7.86
CA PRO A 349 11.28 18.13 8.88
C PRO A 349 11.56 16.74 8.31
N ILE A 350 12.61 16.13 8.83
CA ILE A 350 13.05 14.83 8.35
C ILE A 350 12.51 13.68 9.18
N SER A 351 12.75 12.47 8.70
CA SER A 351 12.43 11.25 9.43
C SER A 351 13.70 10.39 9.44
N ALA A 352 13.55 9.10 9.71
CA ALA A 352 14.64 8.14 9.57
C ALA A 352 14.67 7.52 8.18
N SER A 353 13.84 8.00 7.26
CA SER A 353 13.75 7.46 5.90
C SER A 353 14.02 8.58 4.92
N SER A 354 14.99 8.37 4.03
CA SER A 354 15.43 9.40 3.10
C SER A 354 14.31 10.00 2.27
N TRP A 355 13.32 9.18 1.94
CA TRP A 355 12.23 9.56 1.07
C TRP A 355 11.10 10.30 1.79
N LEU A 356 11.09 10.24 3.12
CA LEU A 356 9.93 10.66 3.92
C LEU A 356 10.27 11.95 4.67
N LYS A 357 9.70 13.05 4.19
CA LYS A 357 9.73 14.34 4.87
C LYS A 357 8.33 14.68 5.38
N VAL A 358 8.27 15.49 6.42
CA VAL A 358 6.99 15.79 7.06
C VAL A 358 6.37 17.03 6.41
N VAL A 359 5.28 16.80 5.67
CA VAL A 359 4.63 17.87 4.91
C VAL A 359 3.11 17.72 5.04
N PRO A 360 2.57 18.02 6.24
CA PRO A 360 1.20 17.58 6.51
C PRO A 360 0.16 18.25 5.60
N TRP A 361 0.35 19.52 5.26
CA TRP A 361 -0.55 20.19 4.35
C TRP A 361 -0.63 19.50 2.98
N GLY A 362 0.41 18.75 2.60
CA GLY A 362 0.37 17.99 1.36
C GLY A 362 -0.73 16.94 1.38
N PHE A 363 -1.05 16.42 2.56
CA PHE A 363 -2.10 15.41 2.68
C PHE A 363 -3.44 16.02 2.27
N ARG A 364 -3.76 17.20 2.79
CA ARG A 364 -4.97 17.90 2.42
C ARG A 364 -5.01 18.21 0.93
N LYS A 365 -3.89 18.68 0.39
CA LYS A 365 -3.86 18.95 -1.05
C LYS A 365 -4.12 17.70 -1.88
N GLU A 366 -3.50 16.59 -1.47
CA GLU A 366 -3.71 15.35 -2.21
C GLU A 366 -5.16 14.88 -2.14
N LEU A 367 -5.76 14.98 -0.96
CA LEU A 367 -7.14 14.55 -0.80
C LEU A 367 -8.06 15.37 -1.71
N ASN A 368 -7.79 16.67 -1.83
CA ASN A 368 -8.56 17.50 -2.76
C ASN A 368 -8.32 17.14 -4.22
N TRP A 369 -7.08 16.82 -4.57
CA TRP A 369 -6.77 16.40 -5.94
C TRP A 369 -7.59 15.17 -6.31
N ILE A 370 -7.60 14.20 -5.42
CA ILE A 370 -8.35 12.95 -5.59
C ILE A 370 -9.85 13.22 -5.69
N LYS A 371 -10.36 14.07 -4.80
CA LYS A 371 -11.78 14.41 -4.83
C LYS A 371 -12.16 14.96 -6.22
N ASN A 372 -11.35 15.88 -6.73
CA ASN A 372 -11.67 16.52 -7.99
C ASN A 372 -11.48 15.60 -9.19
N GLU A 373 -10.45 14.76 -9.16
CA GLU A 373 -10.16 13.90 -10.29
C GLU A 373 -11.14 12.74 -10.42
N TYR A 374 -11.53 12.17 -9.29
CA TYR A 374 -12.28 10.92 -9.28
C TYR A 374 -13.71 11.09 -8.75
N ASN A 375 -14.20 12.32 -8.68
CA ASN A 375 -15.59 12.59 -8.28
C ASN A 375 -15.88 12.12 -6.86
N ASN A 376 -14.97 12.48 -5.96
CA ASN A 376 -15.16 12.29 -4.53
C ASN A 376 -15.52 10.85 -4.15
N PRO A 377 -14.67 9.89 -4.55
CA PRO A 377 -14.88 8.52 -4.12
C PRO A 377 -14.74 8.39 -2.60
N PRO A 378 -15.40 7.40 -1.98
CA PRO A 378 -15.08 7.11 -0.58
C PRO A 378 -13.61 6.71 -0.50
N VAL A 379 -12.88 7.37 0.39
CA VAL A 379 -11.45 7.14 0.53
C VAL A 379 -11.17 6.61 1.92
N PHE A 380 -10.48 5.49 1.98
CA PHE A 380 -10.01 4.92 3.24
C PHE A 380 -8.51 5.09 3.26
N ILE A 381 -7.99 5.80 4.26
CA ILE A 381 -6.56 5.98 4.38
C ILE A 381 -5.99 4.69 4.97
N THR A 382 -5.39 3.88 4.12
CA THR A 382 -4.94 2.56 4.57
C THR A 382 -3.54 2.56 5.17
N GLU A 383 -2.77 3.64 4.97
CA GLU A 383 -1.48 3.84 5.64
C GLU A 383 -1.18 5.32 5.76
N ASN A 384 -0.57 5.68 6.88
CA ASN A 384 0.03 6.99 7.13
C ASN A 384 0.90 6.79 8.38
N GLY A 385 2.14 7.28 8.35
CA GLY A 385 3.02 7.06 9.50
C GLY A 385 4.41 7.63 9.25
N PHE A 386 5.29 7.36 10.21
CA PHE A 386 6.52 8.12 10.35
C PHE A 386 7.60 7.22 10.92
N SER A 387 8.83 7.41 10.43
CA SER A 387 9.95 6.60 10.91
C SER A 387 10.89 7.36 11.82
N ASP A 388 11.43 6.62 12.79
CA ASP A 388 12.57 7.05 13.59
C ASP A 388 13.49 5.82 13.73
N TYR A 389 14.60 5.99 14.44
CA TYR A 389 15.55 4.90 14.59
C TYR A 389 15.34 4.10 15.87
N GLY A 390 14.39 4.50 16.69
CA GLY A 390 14.16 3.85 17.98
C GLY A 390 13.63 4.85 18.99
N GLY A 391 13.25 4.34 20.16
CA GLY A 391 12.78 5.17 21.26
C GLY A 391 11.28 5.12 21.48
N LEU A 392 10.91 5.24 22.75
CA LEU A 392 9.52 5.23 23.16
C LEU A 392 8.93 6.62 23.28
N ASN A 393 9.78 7.63 23.49
CA ASN A 393 9.30 8.99 23.63
C ASN A 393 9.32 9.63 22.24
N ASP A 394 8.41 9.15 21.39
CA ASP A 394 8.50 9.39 19.97
C ASP A 394 7.74 10.65 19.56
N THR A 395 8.25 11.79 20.03
CA THR A 395 7.59 13.07 19.82
CA THR A 395 7.65 13.09 19.81
C THR A 395 7.42 13.40 18.33
N GLY A 396 8.40 13.05 17.50
CA GLY A 396 8.27 13.27 16.06
C GLY A 396 7.08 12.53 15.48
N ARG A 397 6.92 11.27 15.89
CA ARG A 397 5.79 10.47 15.45
C ARG A 397 4.45 11.00 15.96
N VAL A 398 4.42 11.43 17.22
CA VAL A 398 3.21 12.01 17.78
C VAL A 398 2.80 13.24 16.94
N HIS A 399 3.76 14.12 16.67
CA HIS A 399 3.49 15.35 15.90
C HIS A 399 3.08 15.01 14.47
N TYR A 400 3.72 13.99 13.89
CA TYR A 400 3.34 13.56 12.54
C TYR A 400 1.86 13.16 12.53
N TYR A 401 1.45 12.32 13.46
CA TYR A 401 0.06 11.86 13.49
C TYR A 401 -0.92 12.99 13.77
N THR A 402 -0.65 13.81 14.78
CA THR A 402 -1.61 14.85 15.11
C THR A 402 -1.77 15.85 13.97
N GLU A 403 -0.68 16.22 13.31
CA GLU A 403 -0.77 17.13 12.18
C GLU A 403 -1.50 16.48 11.00
N HIS A 404 -1.14 15.25 10.65
CA HIS A 404 -1.80 14.62 9.51
C HIS A 404 -3.29 14.40 9.76
N LEU A 405 -3.65 13.99 10.97
CA LEU A 405 -5.06 13.82 11.28
C LEU A 405 -5.80 15.16 11.25
N LYS A 406 -5.19 16.24 11.73
CA LYS A 406 -5.80 17.56 11.62
C LYS A 406 -6.05 17.94 10.16
N GLU A 407 -5.06 17.69 9.30
CA GLU A 407 -5.20 18.04 7.89
C GLU A 407 -6.29 17.22 7.21
N MET A 408 -6.33 15.94 7.54
CA MET A 408 -7.39 15.08 7.02
C MET A 408 -8.77 15.54 7.48
N LEU A 409 -8.90 15.94 8.74
CA LEU A 409 -10.16 16.43 9.27
C LEU A 409 -10.58 17.74 8.58
N LYS A 410 -9.63 18.60 8.24
CA LYS A 410 -9.96 19.77 7.44
C LYS A 410 -10.45 19.36 6.06
N ALA A 411 -9.81 18.37 5.45
CA ALA A 411 -10.28 17.87 4.16
C ALA A 411 -11.72 17.38 4.25
N ILE A 412 -12.03 16.66 5.33
CA ILE A 412 -13.40 16.16 5.51
C ILE A 412 -14.39 17.30 5.73
N HIS A 413 -14.12 18.11 6.75
CA HIS A 413 -15.11 19.07 7.23
C HIS A 413 -15.14 20.36 6.44
N GLU A 414 -13.97 20.88 6.07
CA GLU A 414 -13.91 22.12 5.31
C GLU A 414 -14.03 21.91 3.82
N ASP A 415 -13.52 20.79 3.31
CA ASP A 415 -13.39 20.60 1.87
C ASP A 415 -14.37 19.57 1.31
N GLY A 416 -15.11 18.88 2.18
CA GLY A 416 -16.11 17.93 1.70
C GLY A 416 -15.55 16.64 1.12
N VAL A 417 -14.33 16.26 1.48
CA VAL A 417 -13.77 15.01 0.98
C VAL A 417 -14.35 13.83 1.75
N ASN A 418 -14.81 12.81 1.03
CA ASN A 418 -15.46 11.66 1.67
C ASN A 418 -14.43 10.64 2.17
N VAL A 419 -13.69 11.01 3.20
CA VAL A 419 -12.78 10.08 3.84
C VAL A 419 -13.57 9.27 4.86
N ILE A 420 -13.46 7.95 4.78
CA ILE A 420 -14.29 7.04 5.57
C ILE A 420 -13.54 6.26 6.64
N GLY A 421 -12.22 6.27 6.60
CA GLY A 421 -11.46 5.53 7.60
C GLY A 421 -9.98 5.83 7.52
N TYR A 422 -9.24 5.36 8.52
CA TYR A 422 -7.82 5.64 8.64
C TYR A 422 -7.18 4.56 9.50
N THR A 423 -6.19 3.87 8.94
CA THR A 423 -5.36 2.94 9.69
C THR A 423 -3.91 3.41 9.68
N ALA A 424 -3.36 3.67 10.86
CA ALA A 424 -1.97 4.07 11.03
C ALA A 424 -1.01 2.97 10.58
N TRP A 425 0.03 3.35 9.85
CA TRP A 425 1.16 2.45 9.59
C TRP A 425 2.26 2.78 10.60
N SER A 426 2.64 1.90 11.54
CA SER A 426 2.17 0.54 11.68
C SER A 426 1.80 0.28 13.14
N LEU A 427 0.98 -0.74 13.36
CA LEU A 427 0.73 -1.21 14.71
C LEU A 427 2.02 -1.38 15.50
N MET A 428 3.04 -1.99 14.88
CA MET A 428 4.29 -2.25 15.59
CA MET A 428 4.29 -2.19 15.60
C MET A 428 5.48 -2.16 14.65
N ASP A 429 6.66 -1.88 15.22
CA ASP A 429 7.89 -1.93 14.45
C ASP A 429 7.96 -3.29 13.78
N ASN A 430 8.46 -3.31 12.55
CA ASN A 430 8.42 -4.54 11.76
C ASN A 430 9.56 -4.53 10.73
N PHE A 431 9.59 -5.53 9.86
CA PHE A 431 10.62 -5.62 8.83
C PHE A 431 10.29 -4.61 7.72
N GLU A 432 11.09 -3.55 7.66
CA GLU A 432 10.89 -2.45 6.72
C GLU A 432 11.65 -2.71 5.41
N TRP A 433 11.32 -3.85 4.81
CA TRP A 433 11.77 -4.16 3.45
C TRP A 433 13.30 -4.02 3.34
N LEU A 434 13.81 -3.28 2.36
CA LEU A 434 15.25 -3.20 2.17
C LEU A 434 15.96 -2.48 3.31
N ARG A 435 15.21 -1.83 4.19
CA ARG A 435 15.79 -1.15 5.35
C ARG A 435 15.86 -2.08 6.55
N GLY A 436 15.44 -3.33 6.41
CA GLY A 436 15.52 -4.27 7.53
C GLY A 436 14.77 -3.73 8.73
N TYR A 437 15.38 -3.92 9.91
CA TYR A 437 14.79 -3.46 11.16
C TYR A 437 15.35 -2.09 11.57
N SER A 438 16.05 -1.41 10.65
CA SER A 438 16.75 -0.18 11.00
C SER A 438 15.84 1.03 11.11
N GLU A 439 14.73 1.02 10.37
CA GLU A 439 13.78 2.12 10.38
C GLU A 439 12.51 1.63 11.06
N LYS A 440 12.09 2.38 12.05
CA LYS A 440 10.99 2.01 12.91
C LYS A 440 9.77 2.83 12.54
N PHE A 441 8.67 2.16 12.23
CA PHE A 441 7.40 2.82 11.90
C PHE A 441 6.30 2.52 12.92
N GLY A 442 6.57 1.69 13.92
CA GLY A 442 5.51 1.29 14.83
C GLY A 442 5.05 2.36 15.80
N ILE A 443 3.80 2.22 16.23
CA ILE A 443 3.34 2.92 17.42
C ILE A 443 3.58 2.07 18.69
N TYR A 444 3.80 0.76 18.52
CA TYR A 444 4.36 -0.13 19.54
C TYR A 444 5.78 -0.50 19.11
N ALA A 445 6.69 -0.48 20.08
CA ALA A 445 8.05 -0.93 19.87
C ALA A 445 8.13 -2.44 20.02
N VAL A 446 9.05 -3.06 19.29
CA VAL A 446 9.32 -4.49 19.42
C VAL A 446 10.82 -4.70 19.55
N ASP A 447 11.20 -5.51 20.53
CA ASP A 447 12.59 -5.86 20.74
C ASP A 447 12.94 -7.07 19.89
N PHE A 448 13.64 -6.83 18.79
CA PHE A 448 13.99 -7.90 17.84
C PHE A 448 15.16 -8.76 18.30
N GLU A 449 15.74 -8.42 19.44
CA GLU A 449 16.75 -9.27 20.06
C GLU A 449 16.17 -10.16 21.17
N ASP A 450 14.87 -10.04 21.43
CA ASP A 450 14.19 -10.81 22.46
C ASP A 450 13.33 -11.84 21.74
N PRO A 451 13.60 -13.14 21.93
CA PRO A 451 12.84 -14.16 21.22
C PRO A 451 11.32 -14.08 21.40
N ALA A 452 10.88 -13.49 22.51
CA ALA A 452 9.46 -13.32 22.80
C ALA A 452 8.83 -12.15 22.06
N ARG A 453 9.65 -11.31 21.44
CA ARG A 453 9.18 -10.17 20.65
C ARG A 453 8.09 -9.36 21.38
N PRO A 454 8.37 -8.90 22.60
CA PRO A 454 7.34 -8.13 23.31
C PRO A 454 7.00 -6.85 22.57
N ARG A 455 5.72 -6.49 22.53
CA ARG A 455 5.24 -5.22 21.97
C ARG A 455 4.98 -4.26 23.12
N ILE A 456 5.59 -3.07 23.07
CA ILE A 456 5.42 -2.11 24.17
C ILE A 456 4.99 -0.75 23.60
N PRO A 457 4.03 -0.09 24.26
CA PRO A 457 3.51 1.13 23.66
C PRO A 457 4.51 2.29 23.70
N LYS A 458 4.61 3.00 22.59
CA LYS A 458 5.30 4.29 22.54
C LYS A 458 4.31 5.40 22.91
N GLU A 459 4.84 6.62 23.10
CA GLU A 459 3.96 7.76 23.32
C GLU A 459 2.91 7.89 22.20
N SER A 460 3.29 7.62 20.95
CA SER A 460 2.32 7.71 19.87
C SER A 460 1.16 6.74 20.05
N ALA A 461 1.41 5.54 20.58
CA ALA A 461 0.31 4.61 20.83
C ALA A 461 -0.66 5.18 21.86
N LYS A 462 -0.12 5.87 22.86
CA LYS A 462 -0.94 6.47 23.90
C LYS A 462 -1.77 7.62 23.36
N VAL A 463 -1.15 8.47 22.55
CA VAL A 463 -1.86 9.58 21.95
C VAL A 463 -2.92 9.09 20.95
N LEU A 464 -2.59 8.09 20.15
CA LEU A 464 -3.59 7.56 19.23
C LEU A 464 -4.73 6.89 20.00
N ALA A 465 -4.44 6.21 21.11
CA ALA A 465 -5.51 5.64 21.91
C ALA A 465 -6.43 6.76 22.42
N GLU A 466 -5.84 7.88 22.83
CA GLU A 466 -6.61 9.00 23.33
C GLU A 466 -7.50 9.57 22.22
N ILE A 467 -6.94 9.70 21.01
CA ILE A 467 -7.71 10.15 19.86
C ILE A 467 -8.85 9.19 19.54
N MET A 468 -8.54 7.90 19.54
CA MET A 468 -9.56 6.88 19.25
C MET A 468 -10.66 6.84 20.30
N ASN A 469 -10.31 7.05 21.57
CA ASN A 469 -11.28 6.99 22.64
C ASN A 469 -12.19 8.22 22.65
N THR A 470 -11.58 9.39 22.49
CA THR A 470 -12.31 10.65 22.55
C THR A 470 -12.93 11.05 21.22
N ARG A 471 -12.45 10.46 20.13
CA ARG A 471 -12.95 10.74 18.76
C ARG A 471 -12.69 12.18 18.35
N LYS A 472 -11.64 12.77 18.91
CA LYS A 472 -11.28 14.15 18.58
C LYS A 472 -9.77 14.31 18.69
N ILE A 473 -9.27 15.39 18.12
CA ILE A 473 -7.90 15.82 18.35
C ILE A 473 -7.84 16.56 19.69
N PRO A 474 -7.02 16.08 20.64
CA PRO A 474 -6.95 16.76 21.95
C PRO A 474 -6.53 18.22 21.80
N GLU A 475 -7.06 19.04 22.70
CA GLU A 475 -6.83 20.47 22.67
C GLU A 475 -5.35 20.85 22.57
N ARG A 476 -4.49 20.12 23.29
CA ARG A 476 -3.08 20.51 23.34
C ARG A 476 -2.37 20.38 21.98
N PHE A 477 -2.99 19.68 21.03
CA PHE A 477 -2.40 19.52 19.70
C PHE A 477 -3.07 20.43 18.68
N ARG A 478 -4.04 21.24 19.08
CA ARG A 478 -4.74 22.10 18.12
C ARG A 478 -3.92 23.35 17.85
N ASP A 479 -4.12 23.95 16.68
CA ASP A 479 -3.40 25.17 16.30
C ASP A 479 -3.54 26.29 17.32
C1 LGC B . 4.10 1.60 2.57
C2 LGC B . 4.07 0.10 2.55
O5 LGC B . 4.94 2.29 3.51
O1 LGC B . 3.46 2.32 1.83
O2 LGC B . 2.80 -0.34 2.09
C3 LGC B . 4.51 -0.54 3.85
O3 LGC B . 4.69 -1.94 3.56
C4 LGC B . 5.81 0.15 4.28
O4 LGC B . 6.35 -0.54 5.40
C5 LGC B . 5.46 1.59 4.63
C6 LGC B . 6.63 2.43 5.13
O6 LGC B . 7.67 2.51 4.15
N1 EPE C . 10.17 3.60 -1.24
C2 EPE C . 9.20 2.85 -2.05
C3 EPE C . 7.90 3.64 -2.18
N4 EPE C . 7.37 4.08 -0.91
C5 EPE C . 8.34 4.74 -0.06
C6 EPE C . 9.62 3.92 0.09
C7 EPE C . 6.03 4.62 -0.96
C8 EPE C . 5.37 4.87 0.38
O8 EPE C . 3.99 4.95 0.16
C9 EPE C . 11.36 2.75 -1.07
C10 EPE C . 12.62 3.57 -0.79
S EPE C . 13.73 2.78 0.40
O1S EPE C . 14.92 3.63 0.47
O2S EPE C . 14.13 1.39 -0.03
O3S EPE C . 13.08 2.79 1.72
C1 GOL D . 13.19 9.69 -25.58
O1 GOL D . 14.23 9.92 -26.53
C2 GOL D . 13.46 10.41 -24.26
O2 GOL D . 14.48 9.72 -23.56
C3 GOL D . 13.86 11.86 -24.53
O3 GOL D . 13.87 12.57 -23.31
NA NA E . -10.47 -23.71 -0.35
CL CL F . -4.54 19.85 27.84
CL CL G . 6.67 31.73 -7.53
#